data_6X0U
#
_entry.id   6X0U
#
loop_
_entity.id
_entity.type
_entity.pdbx_description
1 polymer 'Gamma-tubulin complex component 3'
2 polymer 'Gamma-tubulin complex component 6'
3 polymer 'Mitotic-spindle organizing protein 1'
#
loop_
_entity_poly.entity_id
_entity_poly.type
_entity_poly.pdbx_seq_one_letter_code
_entity_poly.pdbx_strand_id
1 'polypeptide(L)'
;MATPDQKSPNVLLQNLCCRILGRSEADVAQQFQYAVRVIGSNFAPTVERDEFLVAEKIKKELIRQRREADAALFSELHRK
LHSQGVLKNKWSILYLLLSLSEDPRRQPSKVSSYATLFAQALPRDAHSTPYYYARPQTLPLSYQDRSAQSAQSSGSVGSS
GISSIGLCALSGPAPAPQSLLPGQSNQAPGVGDCLRQQLGSRLAWTLTANQPSSQATTSKGVPSAVSRNMTRSRREGDTG
GTMEITEAALVRDILYVFQGIDGKNIKMNNTENCYKVEGKANLSRSLRDTAVRLSELGWLHNKIRRYTDQRSLDRSFGLV
GQSFCAALHQELREYYRLLSVLHSQLQLEDDQGVNLGLESSLTLRRLLVWTYDPKIRLKTLAALVDHCQGRKGGELASAV
HAYTKTGDPYMRSLVQHILSLVSHPVLSFLYRWIYDGELEDTYHEFFVASDPTVKTDRLWHDKYTLRKSMIPSFMTMDQS
RKVLLIGKSINFLHQVCHDQTPTTKMIAVTKSAESPQDAADLFTDLENAFQGKIDAAYFETSKYLLDVLNKKYSLLDHMQ
AMRRYLLLGQGDFIRHLMDLLKPELVRPATTLYQHNLTGILETAVRATNAQFDSPEILRRLDVRLLEVSPGDTGWDVFSL
DYHVDGPIATVFTRECMSHYLRVFNFLWRAKRMEYILTDIRKGHMCNAKLLRNMPEFSGVLHQCHILASEMVHFIHQMQY
YITFEVLECSWDELWNKVQQAQDLDHIIAAHEVFLDTIISRCLLDSDSRALLNQLRAVFDQIIELQNAQDAIYRAALEEL
QRRLQFEEKKKQREIEGQWGVTAAEEEEENKRIGEFKESIPKMCSQLRILTHFYQGIVQQFLVLLTTSSDESLRFLSFRL
DFNEHYKAREPRLRVSLGTRGRRSSHT
;
B
2 'polypeptide(L)'
;MASITQLFDDLCEALLPAAKTHLGQRSVNRKRAKRSLKKVAYNALFTNLFQDETQQLQPDMSKLPARNKILMLSFDLRVG
GLGPKADRLEELVEELEAAPCCPLLEVGSVLDLLVQLAGSGPPQVLPRKRDYFLNNKHVGRNVPYSGYDCDDLSVFEMDV
QSLISREECLCHSMIQETLQVMEAAPGTGLPTVGLFSFGDPCGDRFERDTRVSLFGALVHSRTYDMDVRLGLPPVPDNAD
LSGLAIKVPPSVDQWEDEGFQSASNLTPDSQSEPSVTPDVDLWEAALTYEASKRRCWERVGCPPGHREEPYLTEAGRDAF
DKFCRLHQGELQLLAGGVLQAPQPVLVKECELVKDVLNVLIGVVSATFSLCQPAQAFVVKRGVHVSGASPESISSLLSEV
AEYGTCYTRLSHFSLQPVLDSLYSKGLVFQAFTSGLRRYLQYYRACVLSTPPTLSLLTIGFLFKKLGRQLRYLAELCGVG
AVLPGTCGGGPRAAFPTGVKLLSYLYQEALHNCSNEHYPVLLSLLKTSCEPYTRFIHDWVYSGVFRDAYGEFMIQVNHEY
LSFRDKLYWTHGYVLISKEVEDCVPVFLKHIAHDIYVCGKTINLLKLCCPRHYLCWSDVPVPRISVIFSLEELKEIEKDC
AVYVGRMERVARHSSVSKEEKELRMEIAKQELIAHAREAASRVLSALSDRQMSERMALDARKREQFQRLKEQFVKDQERR
QAARQEELDDDFSYARELRDRERRLKSLEEELERKARQALVDHYSKLSAEAARREQKALWRIQRHRLESARLRFLLEDEK
HIQEMLKAVSEAHQPQEPPDVLLSVHPQVTSPGPEHPEGGQGCDSGSAEQHSPAWDGWNRPGLLTPQPLKPLAVGAGGRG
LQQAEGARPFSDSLSIGDFLPVGPGAEPSVQTGMVPLLEVALQTINLDLPPSAPGEAPAAASTQPSRPQEYDFSTVLRPA
VATSPAPGPLQAAECSLGSSGLQLWEDSCGKMDACGSASRETLLPSHPPRRAALEEGSSQPTERLFGQVSGGGLPTGDYA
SEIAPTRPRWNTHGHVSDASIRVGENVSDVAPTQPRWNTHGHVSNASISLGESVSDVAPTRPRWNIHGHVSNASIRVGEN
VSDVAPTRPRWNTHGHVSNASIRVGENVSDVAPTRPRWNTHGHVSDASISLGESVSDMAPARPRWNTHGHVSDASISLGE
SVSDMAPTRPRWNTHGHVSDTSIRVGENVSDVAPIRSRCNTHGHVSDASISLGEPVSDVVSTRPRWNTHVPIPPPHMVLG
ALSPEAEPNTPRPQQSPPGHTSQSALSLGAQSTVLDCGPRLPVEVGPSLSSPSSGCGEGSISVGENVSDVAPTQPWWPNT
PGDSVSEELGPGRSGDTEDLSPNWPLNSQEDTAAQSSPGRGEEAEASAAEAQGGEQAYLAGLAGQYHLERYPDSYESMSE
PPIAHLLRPVLPRAFAFPVDPQVQSAADETAVQLSELLTLPVLMKRSITAPLAAHISLVNKAAVDYFFVELHLEAHYEAL
RHFLLMEDGEFAQSLSDLLFEKLGAGQTPGELLNPLVLNSVLSKALQCSLHGDTPHASNLSLALKYLPEVFAPNAPDVLS
CLELRYKVDWPLNIVITEGCVSKYSGVFSFLLQLKLMMWALKDVCFHLKRTALLSHMAGSVQFRQLQLFKHEMQHFVKVI
QGYIANQILHVTWCEFRARLATVGDLEEIQRAHAEYLHKAVFRGLLTEKAAPVMNVIHSIFSLVLKFRSQLISQAWGPPG
GPRGAEHPNFALMQQSYNTFKYYSHFLFKVVTKLVNRGYQPHLEDFLLRINFNNYYQDA
;
D
3 'polypeptide(L)'
;MASSSGAGAAAAAAAANLNAVRETMDVLLEISRILNTGLDMETLSICVRLCEQGINPEALSSVIKELRKATEALKAAENM
TS
;
A,C
#
# COMPACT_ATOMS: atom_id res chain seq x y z
N LYS A 7 11.44 6.46 -2.73
CA LYS A 7 10.59 5.79 -1.75
C LYS A 7 9.14 5.74 -2.19
N SER A 8 8.32 5.07 -1.41
CA SER A 8 6.89 4.89 -1.57
C SER A 8 6.14 5.50 -0.39
N PRO A 9 4.91 5.97 -0.58
CA PRO A 9 4.20 6.60 0.54
C PRO A 9 3.97 5.70 1.73
N ASN A 10 3.98 4.37 1.55
CA ASN A 10 3.74 3.48 2.68
C ASN A 10 4.95 3.42 3.61
N VAL A 11 6.16 3.31 3.04
CA VAL A 11 7.36 3.34 3.87
C VAL A 11 7.61 4.75 4.38
N LEU A 12 7.14 5.76 3.65
CA LEU A 12 7.37 7.14 4.05
C LEU A 12 6.47 7.56 5.21
N LEU A 13 5.28 6.97 5.31
CA LEU A 13 4.41 7.26 6.45
C LEU A 13 5.02 6.77 7.75
N GLN A 14 5.90 5.76 7.69
CA GLN A 14 6.49 5.22 8.91
C GLN A 14 7.64 6.09 9.42
N ASN A 15 8.32 6.80 8.53
CA ASN A 15 9.32 7.77 8.98
C ASN A 15 8.66 8.89 9.77
N LEU A 16 7.47 9.31 9.34
CA LEU A 16 6.74 10.36 10.05
C LEU A 16 6.43 9.93 11.47
N CYS A 17 5.92 8.71 11.65
CA CYS A 17 5.61 8.22 12.99
C CYS A 17 6.85 8.06 13.84
N CYS A 18 8.03 8.00 13.24
CA CYS A 18 9.27 7.97 13.99
C CYS A 18 9.84 9.37 14.24
N ARG A 19 9.40 10.37 13.49
CA ARG A 19 9.83 11.74 13.74
C ARG A 19 9.02 12.37 14.86
N ILE A 20 7.68 12.33 14.74
CA ILE A 20 6.82 12.91 15.76
C ILE A 20 7.01 12.18 17.09
N LEU A 21 6.73 10.89 17.11
CA LEU A 21 7.03 10.03 18.25
C LEU A 21 8.47 9.57 18.13
N GLY A 22 9.25 9.76 19.18
CA GLY A 22 10.64 9.36 19.12
C GLY A 22 10.81 7.89 19.47
N ARG A 23 10.87 7.05 18.43
CA ARG A 23 10.90 5.60 18.61
C ARG A 23 11.48 4.94 17.36
N SER A 24 11.65 3.63 17.40
CA SER A 24 12.02 2.87 16.22
C SER A 24 10.81 2.13 15.66
N GLU A 25 10.88 1.83 14.36
CA GLU A 25 9.73 1.22 13.68
C GLU A 25 9.35 -0.13 14.27
N ALA A 26 10.25 -0.77 15.02
CA ALA A 26 9.88 -2.01 15.69
C ALA A 26 9.11 -1.75 16.97
N ASP A 27 9.18 -0.51 17.49
CA ASP A 27 8.51 -0.17 18.73
C ASP A 27 7.10 0.35 18.49
N VAL A 28 6.97 1.43 17.71
CA VAL A 28 5.68 2.06 17.46
C VAL A 28 5.05 1.40 16.24
N ALA A 29 4.06 0.55 16.48
CA ALA A 29 3.31 -0.08 15.40
C ALA A 29 1.82 -0.05 15.61
N GLN A 30 1.34 0.41 16.77
CA GLN A 30 -0.08 0.64 16.95
C GLN A 30 -0.52 1.95 16.31
N GLN A 31 0.28 3.00 16.49
CA GLN A 31 0.00 4.28 15.86
C GLN A 31 0.05 4.14 14.34
N PHE A 32 1.14 3.58 13.81
CA PHE A 32 1.26 3.36 12.38
C PHE A 32 0.12 2.50 11.84
N GLN A 33 -0.51 1.69 12.68
CA GLN A 33 -1.72 0.99 12.25
C GLN A 33 -2.90 1.95 12.14
N TYR A 34 -2.90 3.00 12.97
CA TYR A 34 -3.96 3.99 12.90
C TYR A 34 -3.71 5.00 11.78
N ALA A 35 -2.45 5.21 11.40
CA ALA A 35 -2.15 6.16 10.33
C ALA A 35 -2.46 5.59 8.95
N VAL A 36 -2.32 4.28 8.78
CA VAL A 36 -2.71 3.66 7.50
C VAL A 36 -4.22 3.65 7.35
N ARG A 37 -4.96 3.62 8.46
CA ARG A 37 -6.42 3.62 8.40
C ARG A 37 -6.93 4.96 7.88
N VAL A 38 -6.33 6.06 8.31
CA VAL A 38 -6.82 7.38 7.94
C VAL A 38 -6.31 7.79 6.56
N ILE A 39 -5.00 7.74 6.35
CA ILE A 39 -4.43 8.10 5.06
C ILE A 39 -5.02 7.24 3.95
N GLY A 40 -4.94 5.93 4.10
CA GLY A 40 -5.61 5.05 3.17
C GLY A 40 -7.11 5.25 3.21
N SER A 41 -7.75 5.03 2.06
CA SER A 41 -9.17 5.29 1.81
C SER A 41 -9.49 6.77 1.79
N ASN A 42 -8.52 7.64 2.06
CA ASN A 42 -8.66 9.10 1.94
C ASN A 42 -7.48 9.66 1.17
N PHE A 43 -7.04 8.97 0.13
CA PHE A 43 -5.84 9.37 -0.59
C PHE A 43 -6.14 10.45 -1.62
N ALA A 44 -7.20 10.27 -2.41
CA ALA A 44 -7.48 11.21 -3.49
C ALA A 44 -7.88 12.56 -2.92
N PRO A 45 -7.48 13.67 -3.58
CA PRO A 45 -7.89 14.99 -3.11
C PRO A 45 -9.38 15.21 -3.38
N THR A 46 -10.06 15.78 -2.39
CA THR A 46 -11.51 15.90 -2.42
C THR A 46 -12.00 17.26 -2.92
N VAL A 47 -11.16 18.29 -2.92
CA VAL A 47 -11.58 19.63 -3.33
C VAL A 47 -10.72 20.06 -4.51
N GLU A 48 -11.30 20.89 -5.37
CA GLU A 48 -10.56 21.45 -6.48
C GLU A 48 -9.35 22.21 -5.98
N ARG A 49 -8.22 22.08 -6.66
CA ARG A 49 -6.96 22.60 -6.17
C ARG A 49 -6.66 23.96 -6.82
N ASP A 50 -6.41 24.95 -5.99
CA ASP A 50 -5.97 26.26 -6.46
C ASP A 50 -5.18 26.92 -5.35
N GLU A 51 -3.99 27.42 -5.69
CA GLU A 51 -3.15 28.09 -4.73
C GLU A 51 -3.59 29.52 -4.44
N PHE A 52 -4.44 30.09 -5.30
CA PHE A 52 -4.92 31.45 -5.08
C PHE A 52 -5.77 31.54 -3.83
N LEU A 53 -6.76 30.65 -3.71
CA LEU A 53 -7.67 30.71 -2.56
C LEU A 53 -6.94 30.42 -1.26
N VAL A 54 -6.00 29.48 -1.28
CA VAL A 54 -5.28 29.14 -0.05
C VAL A 54 -4.34 30.28 0.34
N ALA A 55 -3.90 31.07 -0.63
CA ALA A 55 -3.04 32.21 -0.30
C ALA A 55 -3.83 33.31 0.38
N GLU A 56 -5.01 33.64 -0.15
CA GLU A 56 -5.83 34.70 0.41
C GLU A 56 -6.42 34.32 1.76
N LYS A 57 -6.10 33.12 2.26
CA LYS A 57 -6.51 32.70 3.59
C LYS A 57 -5.36 32.64 4.58
N ILE A 58 -4.12 32.66 4.10
CA ILE A 58 -2.99 32.81 5.01
C ILE A 58 -2.67 34.27 5.25
N LYS A 59 -3.04 35.16 4.31
CA LYS A 59 -2.95 36.58 4.57
C LYS A 59 -4.07 37.03 5.50
N LYS A 60 -5.30 36.59 5.22
CA LYS A 60 -6.44 36.91 6.08
C LYS A 60 -6.23 36.43 7.50
N GLU A 61 -5.38 35.44 7.72
CA GLU A 61 -5.14 34.91 9.05
C GLU A 61 -4.04 35.68 9.79
N LEU A 62 -2.98 36.07 9.08
CA LEU A 62 -1.92 36.84 9.73
C LEU A 62 -2.33 38.30 9.93
N ILE A 63 -3.32 38.77 9.18
CA ILE A 63 -3.88 40.10 9.44
C ILE A 63 -4.74 40.08 10.69
N ARG A 64 -5.46 38.98 10.90
CA ARG A 64 -6.35 38.85 12.05
C ARG A 64 -5.62 38.83 13.37
N GLN A 65 -4.31 38.57 13.36
CA GLN A 65 -3.50 38.58 14.57
C GLN A 65 -2.73 39.88 14.75
N ARG A 66 -3.16 40.95 14.10
CA ARG A 66 -2.48 42.25 14.12
C ARG A 66 -1.05 42.17 13.60
N ARG A 67 -0.70 41.08 12.93
CA ARG A 67 0.62 40.91 12.34
C ARG A 67 0.57 41.25 10.85
N GLU A 68 0.30 42.53 10.57
CA GLU A 68 0.13 42.96 9.19
C GLU A 68 1.44 43.02 8.42
N ALA A 69 2.58 42.92 9.10
CA ALA A 69 3.87 42.98 8.42
C ALA A 69 4.25 41.64 7.81
N ASP A 70 3.91 40.54 8.49
CA ASP A 70 4.18 39.21 7.95
C ASP A 70 3.18 38.81 6.89
N ALA A 71 2.03 39.49 6.81
CA ALA A 71 1.08 39.21 5.76
C ALA A 71 1.54 39.72 4.40
N ALA A 72 2.43 40.71 4.39
CA ALA A 72 3.04 41.20 3.16
C ALA A 72 4.40 40.58 2.90
N LEU A 73 4.97 39.90 3.89
CA LEU A 73 6.19 39.13 3.66
C LEU A 73 5.90 37.78 3.04
N PHE A 74 4.78 37.15 3.44
CA PHE A 74 4.38 35.90 2.81
C PHE A 74 4.16 36.07 1.32
N SER A 75 3.64 37.23 0.91
CA SER A 75 3.40 37.46 -0.52
C SER A 75 4.70 37.46 -1.30
N GLU A 76 5.82 37.79 -0.65
CA GLU A 76 7.11 37.73 -1.28
C GLU A 76 7.76 36.37 -1.18
N LEU A 77 7.35 35.54 -0.21
CA LEU A 77 7.85 34.18 -0.12
C LEU A 77 7.03 33.23 -0.99
N HIS A 78 5.76 33.54 -1.24
CA HIS A 78 4.96 32.70 -2.11
C HIS A 78 5.32 32.88 -3.58
N ARG A 79 5.90 34.02 -3.95
CA ARG A 79 6.34 34.19 -5.33
C ARG A 79 7.62 33.43 -5.60
N LYS A 80 8.55 33.42 -4.64
CA LYS A 80 9.80 32.70 -4.82
C LYS A 80 9.55 31.22 -5.10
N LEU A 81 8.52 30.65 -4.49
CA LEU A 81 8.18 29.25 -4.77
C LEU A 81 7.95 29.03 -6.25
N HIS A 82 7.27 29.97 -6.91
CA HIS A 82 7.08 29.87 -8.35
C HIS A 82 8.34 30.21 -9.12
N SER A 83 9.25 30.98 -8.53
CA SER A 83 10.43 31.40 -9.26
C SER A 83 11.37 30.23 -9.52
N GLN A 84 11.52 29.34 -8.53
CA GLN A 84 12.47 28.24 -8.68
C GLN A 84 11.88 27.11 -9.50
N GLY A 85 10.72 26.60 -9.12
CA GLY A 85 10.00 25.66 -9.95
C GLY A 85 10.33 24.20 -9.74
N VAL A 86 10.68 23.80 -8.52
CA VAL A 86 10.89 22.39 -8.21
C VAL A 86 9.71 21.78 -7.49
N LEU A 87 8.61 22.52 -7.35
CA LEU A 87 7.45 22.09 -6.58
C LEU A 87 6.28 21.92 -7.55
N LYS A 88 5.74 20.71 -7.62
CA LYS A 88 4.65 20.42 -8.54
C LYS A 88 3.29 20.81 -7.95
N ASN A 89 3.00 20.33 -6.74
CA ASN A 89 1.76 20.63 -6.05
C ASN A 89 2.05 21.65 -4.96
N LYS A 90 1.87 22.93 -5.27
CA LYS A 90 2.03 23.98 -4.28
C LYS A 90 0.78 24.23 -3.46
N TRP A 91 -0.38 23.78 -3.94
CA TRP A 91 -1.60 23.90 -3.15
C TRP A 91 -1.55 23.03 -1.91
N SER A 92 -1.10 21.79 -2.06
CA SER A 92 -1.17 20.82 -0.97
C SER A 92 -0.32 21.27 0.22
N ILE A 93 0.96 21.57 -0.04
CA ILE A 93 1.87 21.88 1.06
C ILE A 93 1.48 23.16 1.78
N LEU A 94 0.78 24.08 1.13
CA LEU A 94 0.29 25.26 1.81
C LEU A 94 -0.99 24.98 2.57
N TYR A 95 -1.89 24.18 1.98
CA TYR A 95 -3.10 23.74 2.67
C TYR A 95 -2.76 23.05 3.99
N LEU A 96 -1.61 22.39 4.04
CA LEU A 96 -1.20 21.69 5.25
C LEU A 96 -0.52 22.62 6.24
N LEU A 97 0.38 23.47 5.76
CA LEU A 97 1.07 24.40 6.65
C LEU A 97 0.10 25.37 7.29
N LEU A 98 -1.02 25.68 6.61
CA LEU A 98 -2.02 26.55 7.20
C LEU A 98 -2.78 25.83 8.32
N SER A 99 -3.04 24.53 8.15
CA SER A 99 -3.82 23.80 9.14
C SER A 99 -3.07 23.62 10.45
N LEU A 100 -1.75 23.45 10.40
CA LEU A 100 -0.94 23.24 11.59
C LEU A 100 -0.50 24.54 12.24
N SER A 101 -1.13 25.66 11.88
CA SER A 101 -0.70 26.97 12.32
C SER A 101 -1.33 27.29 13.66
N GLU A 102 -0.52 27.72 14.61
CA GLU A 102 -0.97 28.08 15.95
C GLU A 102 -0.74 29.57 16.19
N ASP A 103 -1.65 30.18 16.93
CA ASP A 103 -1.56 31.60 17.22
C ASP A 103 -0.68 31.83 18.44
N PRO A 104 0.43 32.56 18.32
CA PRO A 104 1.23 32.89 19.50
C PRO A 104 0.55 33.86 20.44
N ARG A 105 -0.55 34.50 20.00
CA ARG A 105 -1.34 35.40 20.82
C ARG A 105 -0.49 36.49 21.46
N SER A 113 -14.21 30.79 14.26
CA SER A 113 -15.57 30.99 14.77
C SER A 113 -16.60 30.46 13.78
N TYR A 114 -16.92 31.27 12.77
CA TYR A 114 -17.82 30.88 11.69
C TYR A 114 -17.06 30.92 10.37
N ALA A 115 -17.21 29.85 9.59
CA ALA A 115 -16.49 29.71 8.34
C ALA A 115 -17.37 29.23 7.19
N THR A 116 -18.68 29.15 7.36
CA THR A 116 -19.56 28.91 6.23
C THR A 116 -19.95 30.19 5.53
N LEU A 117 -19.54 31.35 6.05
CA LEU A 117 -19.81 32.63 5.41
C LEU A 117 -18.74 32.98 4.39
N PHE A 118 -17.49 32.61 4.68
CA PHE A 118 -16.35 33.04 3.90
C PHE A 118 -16.11 32.06 2.76
N ALA A 119 -15.02 32.29 2.01
CA ALA A 119 -14.76 31.51 0.83
C ALA A 119 -14.19 30.15 1.20
N GLN A 120 -14.81 29.09 0.67
CA GLN A 120 -14.36 27.73 0.86
C GLN A 120 -14.06 27.12 -0.51
N ALA A 121 -13.26 26.07 -0.51
CA ALA A 121 -12.87 25.45 -1.77
C ALA A 121 -14.04 24.73 -2.42
N LEU A 122 -13.96 24.52 -3.72
CA LEU A 122 -15.04 23.89 -4.45
C LEU A 122 -15.10 22.40 -4.15
N PRO A 123 -16.25 21.74 -4.34
CA PRO A 123 -16.42 20.42 -3.73
C PRO A 123 -15.88 19.25 -4.55
N ARG A 124 -15.72 19.40 -5.87
CA ARG A 124 -15.38 18.33 -6.80
C ARG A 124 -16.51 17.32 -7.00
N ASP A 125 -17.63 17.47 -6.30
CA ASP A 125 -18.77 16.56 -6.51
C ASP A 125 -19.56 16.95 -7.75
N ALA A 126 -19.47 18.22 -8.15
CA ALA A 126 -20.18 18.66 -9.35
C ALA A 126 -19.66 17.95 -10.59
N HIS A 127 -18.40 17.53 -10.57
CA HIS A 127 -17.83 16.82 -11.70
C HIS A 127 -17.99 15.32 -11.53
N SER A 128 -18.04 14.61 -12.65
CA SER A 128 -18.15 13.15 -12.64
C SER A 128 -16.76 12.56 -12.46
N THR A 129 -16.31 12.49 -11.22
CA THR A 129 -14.98 11.95 -10.92
C THR A 129 -14.90 10.46 -11.22
N SER B 3 13.10 -34.35 11.22
CA SER B 3 13.17 -34.91 9.87
C SER B 3 13.40 -33.81 8.85
N ILE B 4 14.30 -32.89 9.17
CA ILE B 4 14.60 -31.78 8.27
C ILE B 4 15.15 -32.28 6.95
N THR B 5 15.83 -33.44 6.96
CA THR B 5 16.29 -34.04 5.73
C THR B 5 15.17 -34.67 4.92
N GLN B 6 14.01 -34.90 5.54
CA GLN B 6 12.84 -35.43 4.86
C GLN B 6 11.82 -34.37 4.50
N LEU B 7 11.67 -33.34 5.35
CA LEU B 7 10.73 -32.27 5.06
C LEU B 7 11.08 -31.54 3.77
N PHE B 8 12.33 -31.60 3.33
CA PHE B 8 12.69 -31.09 2.02
C PHE B 8 12.39 -32.10 0.92
N ASP B 9 12.23 -33.37 1.28
CA ASP B 9 11.89 -34.39 0.29
C ASP B 9 10.39 -34.43 0.03
N ASP B 10 9.58 -34.14 1.05
CA ASP B 10 8.13 -34.08 0.84
C ASP B 10 7.74 -32.78 0.14
N LEU B 11 8.46 -31.70 0.41
CA LEU B 11 8.21 -30.44 -0.29
C LEU B 11 8.44 -30.61 -1.79
N CYS B 12 9.52 -31.30 -2.16
CA CYS B 12 9.84 -31.51 -3.57
C CYS B 12 8.82 -32.40 -4.28
N GLU B 13 7.96 -33.09 -3.54
CA GLU B 13 6.94 -33.92 -4.17
C GLU B 13 5.70 -33.10 -4.53
N ALA B 14 5.29 -32.21 -3.63
CA ALA B 14 4.08 -31.43 -3.87
C ALA B 14 4.23 -30.54 -5.09
N LEU B 15 5.36 -29.83 -5.19
CA LEU B 15 5.57 -28.94 -6.32
C LEU B 15 5.82 -29.69 -7.62
N LEU B 16 6.08 -30.99 -7.55
CA LEU B 16 6.21 -31.79 -8.76
C LEU B 16 4.83 -32.02 -9.36
N PRO B 17 4.58 -31.57 -10.59
CA PRO B 17 3.26 -31.77 -11.18
C PRO B 17 3.03 -33.23 -11.56
N ALA B 18 1.84 -33.72 -11.22
CA ALA B 18 1.51 -35.12 -11.50
C ALA B 18 1.48 -35.37 -13.00
N ALA B 19 1.70 -36.62 -13.37
CA ALA B 19 1.76 -37.00 -14.78
C ALA B 19 0.39 -37.46 -15.28
N ASN B 29 10.05 -38.19 -15.53
CA ASN B 29 9.93 -39.64 -15.31
C ASN B 29 9.34 -39.93 -13.94
N ARG B 30 9.26 -38.89 -13.10
CA ARG B 30 8.74 -38.92 -11.74
C ARG B 30 9.55 -39.81 -10.81
N LYS B 31 10.75 -40.23 -11.20
CA LYS B 31 11.60 -40.98 -10.30
C LYS B 31 13.02 -40.43 -10.31
N ARG B 32 13.41 -39.79 -11.42
CA ARG B 32 14.71 -39.11 -11.50
C ARG B 32 14.59 -37.60 -11.42
N ALA B 33 13.45 -37.04 -11.82
CA ALA B 33 13.25 -35.59 -11.70
C ALA B 33 13.28 -35.16 -10.24
N LYS B 34 12.67 -35.95 -9.36
CA LYS B 34 12.74 -35.66 -7.93
C LYS B 34 14.17 -35.69 -7.42
N ARG B 35 15.02 -36.54 -8.01
CA ARG B 35 16.43 -36.56 -7.65
C ARG B 35 17.15 -35.32 -8.15
N SER B 36 16.75 -34.80 -9.31
CA SER B 36 17.40 -33.61 -9.85
C SER B 36 16.80 -32.34 -9.28
N LEU B 37 15.51 -32.35 -8.93
CA LEU B 37 14.90 -31.15 -8.35
C LEU B 37 15.36 -30.95 -6.92
N LYS B 38 15.70 -32.02 -6.20
CA LYS B 38 16.28 -31.88 -4.88
C LYS B 38 17.64 -31.19 -4.94
N LYS B 39 18.29 -31.20 -6.11
CA LYS B 39 19.51 -30.41 -6.27
C LYS B 39 19.19 -28.93 -6.37
N VAL B 40 18.18 -28.57 -7.17
CA VAL B 40 17.79 -27.18 -7.31
C VAL B 40 17.30 -26.62 -5.98
N ALA B 41 16.78 -27.48 -5.10
CA ALA B 41 16.40 -27.04 -3.77
C ALA B 41 17.63 -26.73 -2.92
N TYR B 42 18.68 -27.54 -3.05
CA TYR B 42 19.89 -27.32 -2.27
C TYR B 42 20.82 -26.32 -2.93
N ASN B 43 20.89 -26.33 -4.26
CA ASN B 43 21.73 -25.36 -4.96
C ASN B 43 21.26 -23.94 -4.74
N ALA B 44 19.98 -23.76 -4.42
CA ALA B 44 19.43 -22.43 -4.18
C ALA B 44 19.27 -22.09 -2.71
N LEU B 45 19.27 -23.08 -1.83
CA LEU B 45 19.11 -22.79 -0.41
C LEU B 45 20.36 -22.17 0.19
N PHE B 46 21.54 -22.56 -0.29
CA PHE B 46 22.79 -22.11 0.31
C PHE B 46 23.35 -20.85 -0.33
N THR B 47 22.68 -20.29 -1.33
CA THR B 47 23.12 -19.00 -1.88
C THR B 47 22.81 -17.86 -0.93
N ASN B 48 21.61 -17.87 -0.33
CA ASN B 48 21.26 -16.83 0.63
C ASN B 48 22.05 -16.99 1.91
N LEU B 49 22.22 -18.23 2.37
CA LEU B 49 22.93 -18.48 3.62
C LEU B 49 24.39 -18.04 3.52
N PHE B 50 24.99 -18.13 2.34
CA PHE B 50 26.35 -17.64 2.15
C PHE B 50 26.40 -16.12 2.31
N GLN B 51 25.53 -15.41 1.58
CA GLN B 51 25.47 -13.96 1.66
C GLN B 51 25.09 -13.49 3.06
N LEU B 64 14.17 -5.06 12.10
CA LEU B 64 12.96 -5.08 11.28
C LEU B 64 11.89 -5.97 11.91
N PRO B 65 10.75 -5.38 12.24
CA PRO B 65 9.66 -6.14 12.86
C PRO B 65 8.89 -6.94 11.80
N ALA B 66 7.94 -7.72 12.28
CA ALA B 66 7.17 -8.63 11.45
C ALA B 66 5.81 -8.09 11.04
N ARG B 67 5.07 -7.49 11.97
CA ARG B 67 3.73 -7.01 11.65
C ARG B 67 3.76 -5.77 10.78
N ASN B 68 4.85 -5.00 10.83
CA ASN B 68 4.93 -3.79 10.02
C ASN B 68 4.91 -4.10 8.54
N LYS B 69 5.54 -5.20 8.14
CA LYS B 69 5.56 -5.56 6.72
C LYS B 69 4.17 -5.88 6.19
N ILE B 70 3.24 -6.29 7.06
CA ILE B 70 1.87 -6.52 6.61
C ILE B 70 1.16 -5.21 6.38
N LEU B 71 1.33 -4.24 7.28
CA LEU B 71 0.66 -2.95 7.14
C LEU B 71 1.08 -2.24 5.88
N MET B 72 2.38 -2.28 5.55
CA MET B 72 2.84 -1.70 4.29
C MET B 72 2.19 -2.37 3.10
N LEU B 73 1.72 -3.61 3.24
CA LEU B 73 0.89 -4.23 2.22
C LEU B 73 -0.59 -3.99 2.47
N SER B 74 -0.98 -3.70 3.70
CA SER B 74 -2.36 -3.28 3.98
C SER B 74 -2.66 -1.92 3.36
N PHE B 75 -1.69 -1.01 3.43
CA PHE B 75 -1.86 0.31 2.80
C PHE B 75 -2.16 0.15 1.31
N ASP B 76 -1.29 -0.55 0.58
CA ASP B 76 -1.47 -0.70 -0.86
C ASP B 76 -2.78 -1.37 -1.23
N LEU B 77 -3.39 -2.10 -0.29
CA LEU B 77 -4.72 -2.64 -0.53
C LEU B 77 -5.75 -1.51 -0.59
N ARG B 78 -5.82 -0.72 0.48
CA ARG B 78 -6.87 0.29 0.59
C ARG B 78 -6.82 1.32 -0.51
N VAL B 79 -5.62 1.61 -1.03
CA VAL B 79 -5.48 2.64 -2.05
C VAL B 79 -6.28 2.26 -3.30
N GLY B 80 -6.13 1.03 -3.77
CA GLY B 80 -6.83 0.59 -4.96
C GLY B 80 -8.21 0.04 -4.70
N GLY B 81 -8.87 0.53 -3.66
CA GLY B 81 -10.18 0.04 -3.29
C GLY B 81 -10.10 -1.10 -2.29
N LEU B 82 -11.18 -1.89 -2.27
CA LEU B 82 -11.28 -3.11 -1.45
C LEU B 82 -10.77 -2.88 -0.02
N GLY B 83 -11.44 -1.94 0.64
CA GLY B 83 -11.16 -1.62 2.03
C GLY B 83 -11.40 -2.75 3.02
N PRO B 84 -12.59 -3.36 3.01
CA PRO B 84 -12.88 -4.39 4.03
C PRO B 84 -11.94 -5.58 4.01
N LYS B 85 -11.44 -5.96 2.83
CA LYS B 85 -10.44 -7.03 2.78
C LYS B 85 -9.19 -6.64 3.55
N ALA B 86 -8.75 -5.38 3.40
CA ALA B 86 -7.61 -4.91 4.17
C ALA B 86 -7.91 -4.84 5.66
N ASP B 87 -9.15 -4.52 6.03
CA ASP B 87 -9.54 -4.57 7.42
C ASP B 87 -9.68 -5.99 7.94
N ARG B 88 -9.64 -6.98 7.06
CA ARG B 88 -9.63 -8.39 7.47
C ARG B 88 -8.22 -8.91 7.65
N LEU B 89 -7.31 -8.57 6.74
CA LEU B 89 -5.91 -8.98 6.87
C LEU B 89 -5.33 -8.56 8.21
N GLU B 90 -5.69 -7.39 8.71
CA GLU B 90 -5.26 -6.96 10.03
C GLU B 90 -6.07 -7.61 11.14
N GLU B 91 -7.27 -8.11 10.83
CA GLU B 91 -8.11 -8.73 11.85
C GLU B 91 -7.59 -10.09 12.26
N LEU B 92 -6.89 -10.79 11.36
CA LEU B 92 -6.38 -12.13 11.66
C LEU B 92 -5.04 -12.07 12.37
N VAL B 93 -4.14 -11.20 11.93
CA VAL B 93 -2.84 -11.08 12.59
C VAL B 93 -2.98 -10.56 14.01
N GLU B 94 -4.14 -10.00 14.36
CA GLU B 94 -4.36 -9.58 15.73
C GLU B 94 -4.76 -10.73 16.63
N GLU B 95 -5.47 -11.73 16.08
CA GLU B 95 -5.82 -12.94 16.82
C GLU B 95 -4.76 -14.02 16.72
N LEU B 96 -3.91 -13.97 15.69
CA LEU B 96 -2.78 -14.89 15.60
C LEU B 96 -1.72 -14.62 16.66
N GLU B 97 -1.84 -13.51 17.40
CA GLU B 97 -0.90 -13.23 18.47
C GLU B 97 -1.19 -14.11 19.69
N ALA B 98 -2.44 -14.14 20.13
CA ALA B 98 -2.82 -14.94 21.28
C ALA B 98 -3.51 -16.22 20.83
N VAL B 107 5.81 -18.69 15.33
CA VAL B 107 4.73 -18.35 14.42
C VAL B 107 5.03 -17.01 13.72
N GLY B 108 5.74 -16.14 14.42
CA GLY B 108 6.09 -14.85 13.84
C GLY B 108 6.92 -14.99 12.57
N SER B 109 7.80 -16.00 12.55
CA SER B 109 8.65 -16.22 11.39
C SER B 109 7.90 -16.85 10.22
N VAL B 110 6.65 -17.27 10.41
CA VAL B 110 5.89 -17.86 9.32
C VAL B 110 5.29 -16.78 8.44
N LEU B 111 4.66 -15.78 9.05
CA LEU B 111 4.10 -14.68 8.28
C LEU B 111 5.20 -13.87 7.58
N ASP B 112 6.41 -13.88 8.13
CA ASP B 112 7.54 -13.24 7.46
C ASP B 112 7.93 -13.95 6.18
N LEU B 113 7.46 -15.18 5.98
CA LEU B 113 7.70 -15.90 4.74
C LEU B 113 6.62 -15.64 3.71
N LEU B 114 5.37 -15.40 4.15
CA LEU B 114 4.28 -15.18 3.22
C LEU B 114 4.39 -13.82 2.56
N VAL B 115 4.86 -12.80 3.29
CA VAL B 115 5.00 -11.48 2.71
C VAL B 115 6.05 -11.45 1.62
N GLN B 116 6.94 -12.43 1.56
CA GLN B 116 7.94 -12.47 0.51
C GLN B 116 7.34 -12.91 -0.82
N LEU B 117 6.40 -13.85 -0.78
CA LEU B 117 5.75 -14.38 -1.97
C LEU B 117 4.41 -13.70 -2.27
N ALA B 118 4.27 -12.43 -1.89
CA ALA B 118 2.97 -11.77 -1.99
C ALA B 118 2.49 -11.65 -3.42
N GLY B 119 3.41 -11.45 -4.36
CA GLY B 119 3.04 -11.26 -5.75
C GLY B 119 3.23 -12.44 -6.66
N SER B 120 3.53 -13.62 -6.11
CA SER B 120 3.86 -14.77 -6.94
C SER B 120 2.65 -15.60 -7.34
N GLY B 121 1.53 -15.46 -6.65
CA GLY B 121 0.36 -16.26 -6.90
C GLY B 121 -0.16 -16.13 -8.31
N PRO B 122 -1.08 -17.02 -8.70
CA PRO B 122 -1.64 -16.97 -10.04
C PRO B 122 -2.73 -15.93 -10.14
N PRO B 123 -2.92 -15.30 -11.31
CA PRO B 123 -3.98 -14.32 -11.54
C PRO B 123 -5.32 -14.98 -11.85
N ARG B 130 -23.45 -12.90 -5.57
CA ARG B 130 -22.92 -11.71 -4.91
C ARG B 130 -23.59 -11.49 -3.56
N ASP B 131 -23.30 -10.36 -2.94
CA ASP B 131 -23.90 -9.98 -1.66
C ASP B 131 -24.81 -8.78 -1.90
N TYR B 132 -26.11 -8.99 -1.71
CA TYR B 132 -27.05 -7.89 -1.91
C TYR B 132 -27.02 -6.92 -0.74
N PHE B 133 -26.58 -7.39 0.43
CA PHE B 133 -26.50 -6.50 1.59
C PHE B 133 -25.30 -5.59 1.53
N LEU B 134 -24.67 -5.47 0.36
CA LEU B 134 -23.80 -4.34 0.08
C LEU B 134 -24.62 -3.06 0.13
N ASN B 135 -24.06 -1.97 -0.40
CA ASN B 135 -24.44 -0.59 -0.08
C ASN B 135 -25.95 -0.50 0.11
N ASN B 136 -26.77 -0.73 -0.93
CA ASN B 136 -28.21 -1.02 -0.81
C ASN B 136 -28.87 -0.16 0.27
N LYS B 137 -28.93 1.15 -0.01
CA LYS B 137 -29.57 2.07 0.93
C LYS B 137 -31.05 1.76 1.13
N HIS B 138 -31.58 0.77 0.43
CA HIS B 138 -33.01 0.49 0.48
C HIS B 138 -33.35 -0.57 1.52
N VAL B 139 -32.34 -1.16 2.16
CA VAL B 139 -32.55 -2.14 3.22
C VAL B 139 -31.73 -1.74 4.44
N GLY B 140 -32.30 -1.96 5.61
CA GLY B 140 -31.61 -1.66 6.85
C GLY B 140 -32.61 -1.53 7.97
N ARG B 141 -32.09 -1.32 9.17
CA ARG B 141 -32.96 -1.03 10.33
C ARG B 141 -33.04 0.48 10.50
N ASN B 142 -31.90 1.12 10.72
CA ASN B 142 -31.81 2.58 10.81
C ASN B 142 -30.66 3.05 9.91
N VAL B 143 -30.98 3.26 8.64
CA VAL B 143 -29.97 3.71 7.68
C VAL B 143 -29.85 5.22 7.73
N PRO B 144 -28.65 5.78 7.79
CA PRO B 144 -28.51 7.23 7.94
C PRO B 144 -28.70 7.98 6.62
N TYR B 145 -29.10 9.24 6.74
CA TYR B 145 -29.33 10.09 5.59
C TYR B 145 -28.04 10.33 4.83
N SER B 146 -28.09 10.16 3.52
CA SER B 146 -26.89 10.25 2.71
C SER B 146 -27.01 11.20 1.54
N GLY B 147 -28.17 11.27 0.90
CA GLY B 147 -28.26 11.97 -0.37
C GLY B 147 -27.62 11.14 -1.46
N TYR B 148 -27.84 11.51 -2.73
CA TYR B 148 -27.30 10.73 -3.83
C TYR B 148 -25.79 10.58 -3.68
N ASP B 149 -25.28 9.45 -4.14
CA ASP B 149 -23.85 9.19 -4.10
C ASP B 149 -23.23 9.25 -5.48
N CYS B 150 -23.74 8.46 -6.43
CA CYS B 150 -23.23 8.43 -7.80
C CYS B 150 -21.78 7.96 -7.83
N ASP B 151 -21.25 7.59 -6.67
CA ASP B 151 -19.94 6.95 -6.56
C ASP B 151 -20.05 5.51 -6.12
N ASP B 152 -21.26 5.02 -5.86
CA ASP B 152 -21.51 3.59 -5.70
C ASP B 152 -22.16 3.01 -6.96
N LEU B 153 -23.03 3.78 -7.60
CA LEU B 153 -23.59 3.36 -8.88
C LEU B 153 -22.57 3.44 -10.00
N SER B 154 -21.52 4.25 -9.83
CA SER B 154 -20.46 4.30 -10.82
C SER B 154 -19.52 3.09 -10.70
N VAL B 155 -19.41 2.52 -9.51
CA VAL B 155 -18.67 1.29 -9.30
C VAL B 155 -19.62 0.09 -9.17
N PHE B 156 -20.84 0.23 -9.67
CA PHE B 156 -21.78 -0.88 -9.81
C PHE B 156 -22.09 -1.16 -11.27
N GLU B 157 -21.72 -0.25 -12.18
CA GLU B 157 -21.74 -0.52 -13.60
C GLU B 157 -20.40 -1.03 -14.11
N MET B 158 -19.31 -0.78 -13.37
CA MET B 158 -18.06 -1.45 -13.68
C MET B 158 -18.07 -2.90 -13.24
N ASP B 159 -18.90 -3.24 -12.26
CA ASP B 159 -19.07 -4.63 -11.87
C ASP B 159 -19.76 -5.43 -12.98
N VAL B 160 -20.56 -4.76 -13.80
CA VAL B 160 -21.23 -5.41 -14.93
C VAL B 160 -20.40 -5.34 -16.19
N GLN B 161 -19.73 -4.20 -16.43
CA GLN B 161 -18.94 -4.04 -17.65
C GLN B 161 -17.81 -5.05 -17.73
N SER B 162 -17.27 -5.47 -16.58
CA SER B 162 -16.24 -6.50 -16.59
C SER B 162 -16.82 -7.87 -16.92
N LEU B 163 -18.09 -8.09 -16.62
CA LEU B 163 -18.73 -9.36 -16.97
C LEU B 163 -18.86 -9.52 -18.46
N ILE B 164 -19.39 -8.51 -19.15
CA ILE B 164 -19.56 -8.58 -20.59
C ILE B 164 -18.21 -8.54 -21.31
N SER B 165 -17.15 -8.12 -20.64
CA SER B 165 -15.82 -8.13 -21.24
C SER B 165 -15.07 -9.41 -20.94
N ARG B 166 -15.56 -10.24 -20.03
CA ARG B 166 -14.98 -11.56 -19.84
C ARG B 166 -15.57 -12.58 -20.80
N GLU B 167 -16.91 -12.64 -20.87
CA GLU B 167 -17.59 -13.57 -21.75
C GLU B 167 -17.41 -13.19 -23.22
N GLU B 168 -16.66 -12.13 -23.49
CA GLU B 168 -16.30 -11.78 -24.86
C GLU B 168 -14.86 -12.15 -25.20
N CYS B 169 -13.96 -12.14 -24.21
CA CYS B 169 -12.61 -12.63 -24.45
C CYS B 169 -12.59 -14.14 -24.55
N LEU B 170 -13.49 -14.83 -23.83
CA LEU B 170 -13.62 -16.27 -24.01
C LEU B 170 -13.94 -16.62 -25.45
N CYS B 171 -14.97 -16.00 -26.01
CA CYS B 171 -15.29 -16.21 -27.42
C CYS B 171 -14.21 -15.70 -28.36
N HIS B 172 -13.26 -14.92 -27.86
CA HIS B 172 -12.06 -14.58 -28.64
C HIS B 172 -10.92 -15.56 -28.38
N SER B 173 -10.92 -16.23 -27.24
CA SER B 173 -9.93 -17.24 -26.92
C SER B 173 -10.45 -18.66 -27.10
N MET B 174 -11.64 -18.82 -27.66
CA MET B 174 -12.18 -20.13 -28.01
C MET B 174 -12.27 -20.36 -29.50
N ILE B 175 -12.59 -19.32 -30.28
CA ILE B 175 -12.59 -19.44 -31.73
C ILE B 175 -11.18 -19.31 -32.29
N GLN B 176 -10.25 -18.79 -31.50
CA GLN B 176 -8.87 -18.68 -31.94
C GLN B 176 -8.09 -19.96 -31.69
N GLU B 177 -8.27 -20.58 -30.52
CA GLU B 177 -7.54 -21.79 -30.19
C GLU B 177 -7.85 -22.95 -31.14
N THR B 178 -8.98 -22.89 -31.84
CA THR B 178 -9.38 -23.97 -32.73
C THR B 178 -9.33 -23.60 -34.21
N LEU B 179 -9.38 -22.32 -34.54
CA LEU B 179 -9.15 -21.91 -35.93
C LEU B 179 -7.67 -21.87 -36.27
N GLN B 180 -6.79 -21.76 -35.27
CA GLN B 180 -5.36 -21.85 -35.52
C GLN B 180 -4.94 -23.25 -35.92
N VAL B 181 -5.78 -24.25 -35.68
CA VAL B 181 -5.53 -25.62 -36.10
C VAL B 181 -6.35 -26.00 -37.32
N MET B 182 -7.59 -25.53 -37.39
CA MET B 182 -8.46 -25.85 -38.52
C MET B 182 -7.89 -25.35 -39.84
N GLU B 183 -7.17 -24.24 -39.81
CA GLU B 183 -6.57 -23.65 -41.01
C GLU B 183 -5.07 -23.51 -40.79
N ALA B 184 -4.32 -24.49 -41.28
CA ALA B 184 -2.87 -24.52 -41.21
C ALA B 184 -2.39 -25.52 -42.26
N ALA B 185 -1.11 -25.88 -42.19
CA ALA B 185 -0.61 -26.92 -43.06
C ALA B 185 -1.11 -28.28 -42.59
N PRO B 186 -1.42 -29.18 -43.51
CA PRO B 186 -1.93 -30.50 -43.10
C PRO B 186 -0.95 -31.24 -42.19
N GLY B 187 -1.37 -31.45 -40.95
CA GLY B 187 -0.61 -32.25 -40.01
C GLY B 187 0.24 -31.50 -39.02
N THR B 188 -0.01 -30.21 -38.79
CA THR B 188 0.78 -29.47 -37.81
C THR B 188 0.27 -29.68 -36.39
N GLY B 189 -0.97 -29.28 -36.12
CA GLY B 189 -1.51 -29.40 -34.78
C GLY B 189 -1.86 -30.82 -34.36
N LEU B 190 -1.83 -31.76 -35.30
CA LEU B 190 -2.22 -33.13 -34.99
C LEU B 190 -1.06 -33.89 -34.38
N PRO B 191 -1.25 -34.55 -33.24
CA PRO B 191 -0.14 -35.26 -32.61
C PRO B 191 0.11 -36.64 -33.21
N THR B 192 -0.94 -37.27 -33.74
CA THR B 192 -0.76 -38.60 -34.33
C THR B 192 0.03 -38.55 -35.63
N VAL B 193 -0.05 -37.43 -36.36
CA VAL B 193 0.73 -37.28 -37.58
C VAL B 193 2.20 -36.97 -37.27
N GLY B 194 2.49 -36.51 -36.05
CA GLY B 194 3.87 -36.30 -35.64
C GLY B 194 4.60 -37.56 -35.25
N LEU B 195 4.01 -38.73 -35.46
CA LEU B 195 4.66 -40.00 -35.14
C LEU B 195 5.32 -40.58 -36.38
N ALA C 11 27.03 15.29 -12.94
CA ALA C 11 27.74 16.27 -13.75
C ALA C 11 27.38 17.68 -13.31
N ALA C 12 26.63 18.39 -14.13
CA ALA C 12 26.17 19.74 -13.83
C ALA C 12 24.67 19.82 -13.59
N ALA C 13 23.86 19.30 -14.52
CA ALA C 13 22.42 19.33 -14.35
C ALA C 13 21.95 18.49 -13.18
N ALA C 14 22.82 17.63 -12.64
CA ALA C 14 22.52 16.90 -11.42
C ALA C 14 22.95 17.64 -10.17
N ALA C 15 23.74 18.70 -10.32
CA ALA C 15 24.08 19.58 -9.21
C ALA C 15 23.26 20.87 -9.22
N ALA C 16 22.73 21.25 -10.37
CA ALA C 16 21.84 22.41 -10.43
C ALA C 16 20.48 22.08 -9.84
N ASN C 17 20.10 20.81 -9.83
CA ASN C 17 18.83 20.42 -9.22
C ASN C 17 18.94 20.32 -7.71
N LEU C 18 20.10 19.90 -7.20
CA LEU C 18 20.30 19.86 -5.76
C LEU C 18 20.38 21.26 -5.16
N ASN C 19 20.62 22.28 -5.97
CA ASN C 19 20.61 23.65 -5.48
C ASN C 19 19.20 24.21 -5.49
N ALA C 20 18.45 23.98 -6.57
CA ALA C 20 17.08 24.48 -6.64
C ALA C 20 16.15 23.77 -5.68
N VAL C 21 16.60 22.69 -5.04
CA VAL C 21 15.79 22.04 -4.02
C VAL C 21 16.17 22.53 -2.62
N ARG C 22 17.45 22.84 -2.39
CA ARG C 22 17.82 23.40 -1.10
C ARG C 22 17.29 24.82 -0.95
N GLU C 23 17.06 25.52 -2.05
CA GLU C 23 16.40 26.82 -1.98
C GLU C 23 14.95 26.66 -1.53
N THR C 24 14.16 25.90 -2.29
CA THR C 24 12.75 25.75 -1.98
C THR C 24 12.54 25.17 -0.59
N MET C 25 13.42 24.26 -0.16
CA MET C 25 13.28 23.69 1.18
C MET C 25 13.71 24.68 2.24
N ASP C 26 14.32 25.80 1.82
CA ASP C 26 14.67 26.84 2.77
C ASP C 26 13.60 27.92 2.82
N VAL C 27 12.87 28.11 1.73
CA VAL C 27 11.77 29.08 1.71
C VAL C 27 10.55 28.50 2.42
N LEU C 28 10.26 27.22 2.18
CA LEU C 28 9.14 26.59 2.87
C LEU C 28 9.36 26.54 4.37
N LEU C 29 10.62 26.64 4.81
CA LEU C 29 10.91 26.69 6.23
C LEU C 29 10.67 28.09 6.79
N GLU C 30 10.68 29.10 5.92
CA GLU C 30 10.34 30.45 6.36
C GLU C 30 8.83 30.61 6.50
N ILE C 31 8.08 30.16 5.50
CA ILE C 31 6.61 30.16 5.62
C ILE C 31 6.17 29.34 6.81
N SER C 32 7.00 28.37 7.23
CA SER C 32 6.62 27.49 8.32
C SER C 32 6.77 28.18 9.67
N ARG C 33 7.72 29.13 9.78
CA ARG C 33 7.94 29.75 11.09
C ARG C 33 7.07 30.98 11.29
N ILE C 34 6.78 31.72 10.21
CA ILE C 34 5.88 32.86 10.36
C ILE C 34 4.46 32.39 10.58
N LEU C 35 4.13 31.16 10.21
CA LEU C 35 2.86 30.55 10.53
C LEU C 35 2.89 29.78 11.84
N ASN C 36 4.07 29.59 12.42
CA ASN C 36 4.23 29.02 13.76
C ASN C 36 3.78 27.57 13.82
N THR C 37 3.95 26.84 12.72
CA THR C 37 3.82 25.39 12.77
C THR C 37 4.98 24.82 13.56
N GLY C 38 4.69 23.84 14.41
CA GLY C 38 5.74 23.25 15.22
C GLY C 38 6.75 22.43 14.47
N LEU C 39 6.64 22.34 13.14
CA LEU C 39 7.53 21.51 12.36
C LEU C 39 8.95 22.06 12.38
N ASP C 40 9.89 21.20 12.03
CA ASP C 40 11.30 21.57 11.88
C ASP C 40 11.80 21.04 10.54
N MET C 41 13.07 21.32 10.25
CA MET C 41 13.60 21.07 8.92
C MET C 41 13.59 19.59 8.55
N GLU C 42 13.70 18.71 9.54
CA GLU C 42 13.73 17.28 9.26
C GLU C 42 12.34 16.74 9.00
N THR C 43 11.38 17.07 9.87
CA THR C 43 10.01 16.60 9.69
C THR C 43 9.39 17.20 8.43
N LEU C 44 9.68 18.46 8.14
CA LEU C 44 9.05 19.15 7.02
C LEU C 44 9.44 18.53 5.68
N SER C 45 10.60 17.87 5.59
CA SER C 45 10.98 17.23 4.34
C SER C 45 10.20 15.94 4.10
N ILE C 46 9.62 15.36 5.15
CA ILE C 46 8.78 14.18 4.98
C ILE C 46 7.40 14.59 4.47
N CYS C 47 6.83 15.65 5.04
CA CYS C 47 5.50 16.09 4.63
C CYS C 47 5.49 16.67 3.23
N VAL C 48 6.63 17.15 2.73
CA VAL C 48 6.68 17.65 1.37
C VAL C 48 6.70 16.50 0.37
N ARG C 49 7.52 15.49 0.62
CA ARG C 49 7.58 14.33 -0.26
C ARG C 49 6.21 13.68 -0.39
N LEU C 50 5.50 13.50 0.72
CA LEU C 50 4.17 12.91 0.68
C LEU C 50 3.25 13.73 -0.22
N CYS C 51 3.23 15.04 -0.03
CA CYS C 51 2.36 15.91 -0.80
C CYS C 51 2.71 15.96 -2.29
N GLU C 52 3.88 15.44 -2.69
CA GLU C 52 4.21 15.39 -4.10
C GLU C 52 3.50 14.24 -4.80
N GLN C 53 3.38 13.09 -4.14
CA GLN C 53 2.71 11.96 -4.75
C GLN C 53 1.21 12.18 -4.88
N GLY C 54 0.65 13.10 -4.10
CA GLY C 54 -0.79 13.34 -4.13
C GLY C 54 -1.47 12.70 -2.95
N ILE C 55 -1.78 13.49 -1.93
CA ILE C 55 -2.37 12.97 -0.70
C ILE C 55 -3.18 14.08 -0.07
N ASN C 56 -4.35 13.73 0.47
CA ASN C 56 -5.25 14.71 1.07
C ASN C 56 -4.58 15.42 2.23
N PRO C 57 -4.34 16.72 2.13
CA PRO C 57 -3.82 17.47 3.28
C PRO C 57 -4.83 17.62 4.41
N GLU C 58 -6.12 17.37 4.16
CA GLU C 58 -7.07 17.29 5.25
C GLU C 58 -6.95 15.99 6.01
N ALA C 59 -6.43 14.94 5.38
CA ALA C 59 -6.19 13.67 6.04
C ALA C 59 -4.82 13.61 6.69
N LEU C 60 -3.79 14.07 6.00
CA LEU C 60 -2.44 14.01 6.52
C LEU C 60 -2.27 14.92 7.74
N SER C 61 -2.99 16.03 7.78
CA SER C 61 -2.87 16.95 8.91
C SER C 61 -3.64 16.46 10.12
N SER C 62 -4.67 15.64 9.92
CA SER C 62 -5.35 15.02 11.05
C SER C 62 -4.43 14.02 11.74
N VAL C 63 -3.56 13.37 10.98
CA VAL C 63 -2.60 12.43 11.57
C VAL C 63 -1.59 13.17 12.43
N ILE C 64 -0.97 14.22 11.87
CA ILE C 64 0.02 14.98 12.62
C ILE C 64 -0.61 15.65 13.83
N LYS C 65 -1.87 16.06 13.71
CA LYS C 65 -2.56 16.63 14.86
C LYS C 65 -2.94 15.58 15.89
N GLU C 66 -2.70 14.31 15.59
CA GLU C 66 -2.99 13.21 16.50
C GLU C 66 -1.73 12.61 17.13
N LEU C 67 -0.71 12.32 16.32
CA LEU C 67 0.53 11.79 16.87
C LEU C 67 1.18 12.79 17.81
N ARG C 68 1.05 14.09 17.50
CA ARG C 68 1.50 15.11 18.44
C ARG C 68 0.60 15.21 19.65
N LYS C 69 -0.64 14.73 19.53
CA LYS C 69 -1.58 14.74 20.65
C LYS C 69 -1.43 13.51 21.53
N ALA C 70 -0.73 12.47 21.05
CA ALA C 70 -0.48 11.27 21.85
C ALA C 70 0.93 11.21 22.40
N THR C 71 1.88 11.94 21.82
CA THR C 71 3.23 11.97 22.38
C THR C 71 3.29 12.65 23.73
N GLU C 72 2.23 13.35 24.12
CA GLU C 72 2.19 13.98 25.43
C GLU C 72 1.68 13.05 26.52
N ALA C 73 0.76 12.14 26.18
CA ALA C 73 0.26 11.18 27.16
C ALA C 73 1.36 10.20 27.58
N LEU C 74 2.38 10.03 26.75
CA LEU C 74 3.49 9.14 27.06
C LEU C 74 4.62 9.86 27.79
N LYS C 75 4.82 11.13 27.50
CA LYS C 75 5.87 11.91 28.17
C LYS C 75 5.53 12.11 29.64
N ASN D 17 -3.83 -30.54 22.64
CA ASN D 17 -3.07 -29.49 21.99
C ASN D 17 -3.30 -29.50 20.48
N LEU D 18 -3.48 -30.71 19.92
CA LEU D 18 -3.66 -30.84 18.49
C LEU D 18 -4.89 -30.09 17.98
N ASN D 19 -5.85 -29.80 18.85
CA ASN D 19 -6.97 -28.96 18.47
C ASN D 19 -6.55 -27.50 18.34
N ALA D 20 -5.66 -27.05 19.23
CA ALA D 20 -5.17 -25.68 19.15
C ALA D 20 -4.28 -25.49 17.92
N VAL D 21 -3.30 -26.37 17.74
CA VAL D 21 -2.38 -26.26 16.60
C VAL D 21 -3.07 -26.51 15.27
N ARG D 22 -4.33 -26.97 15.29
CA ARG D 22 -5.11 -27.02 14.06
C ARG D 22 -5.74 -25.68 13.74
N GLU D 23 -6.29 -25.02 14.75
CA GLU D 23 -6.90 -23.70 14.57
C GLU D 23 -5.84 -22.68 14.17
N THR D 24 -4.74 -22.61 14.92
CA THR D 24 -3.66 -21.69 14.59
C THR D 24 -3.12 -21.95 13.19
N MET D 25 -3.18 -23.19 12.72
CA MET D 25 -2.79 -23.50 11.35
C MET D 25 -3.89 -23.19 10.35
N ASP D 26 -5.15 -23.14 10.80
CA ASP D 26 -6.25 -22.85 9.88
C ASP D 26 -6.40 -21.36 9.64
N VAL D 27 -6.18 -20.54 10.68
CA VAL D 27 -6.22 -19.10 10.51
C VAL D 27 -5.11 -18.65 9.58
N LEU D 28 -3.93 -19.26 9.70
CA LEU D 28 -2.77 -18.85 8.94
C LEU D 28 -2.90 -19.13 7.45
N LEU D 29 -3.87 -19.96 7.04
CA LEU D 29 -4.07 -20.17 5.62
C LEU D 29 -4.70 -18.94 4.97
N GLU D 30 -5.63 -18.30 5.65
CA GLU D 30 -6.35 -17.18 5.05
C GLU D 30 -5.41 -16.00 4.77
N ILE D 31 -4.56 -15.65 5.74
CA ILE D 31 -3.63 -14.56 5.54
C ILE D 31 -2.61 -14.88 4.47
N SER D 32 -2.47 -16.15 4.10
CA SER D 32 -1.67 -16.53 2.94
C SER D 32 -2.50 -16.66 1.68
N ARG D 33 -3.83 -16.57 1.79
CA ARG D 33 -4.71 -16.61 0.63
C ARG D 33 -5.00 -15.22 0.09
N ILE D 34 -5.24 -14.25 0.97
CA ILE D 34 -5.48 -12.89 0.52
C ILE D 34 -4.19 -12.16 0.18
N LEU D 35 -3.06 -12.60 0.72
CA LEU D 35 -1.77 -12.08 0.28
C LEU D 35 -1.34 -12.64 -1.06
N ASN D 36 -2.18 -13.46 -1.70
CA ASN D 36 -1.95 -13.97 -3.05
C ASN D 36 -0.65 -14.76 -3.14
N THR D 37 -0.40 -15.63 -2.16
CA THR D 37 0.70 -16.58 -2.21
C THR D 37 0.20 -17.90 -2.77
N GLY D 38 0.98 -18.48 -3.67
CA GLY D 38 0.59 -19.73 -4.31
C GLY D 38 0.56 -20.94 -3.40
N LEU D 39 0.91 -20.79 -2.13
CA LEU D 39 0.99 -21.93 -1.22
C LEU D 39 -0.40 -22.49 -0.97
N ASP D 40 -0.60 -23.74 -1.35
CA ASP D 40 -1.84 -24.46 -1.07
C ASP D 40 -1.79 -25.01 0.36
N MET D 41 -2.74 -25.89 0.70
CA MET D 41 -2.84 -26.35 2.08
C MET D 41 -1.72 -27.32 2.43
N GLU D 42 -1.30 -28.15 1.48
CA GLU D 42 -0.26 -29.14 1.78
C GLU D 42 1.10 -28.48 1.92
N THR D 43 1.49 -27.68 0.93
CA THR D 43 2.78 -27.00 0.98
C THR D 43 2.87 -26.04 2.16
N LEU D 44 1.72 -25.60 2.70
CA LEU D 44 1.75 -24.72 3.85
C LEU D 44 2.16 -25.48 5.11
N SER D 45 1.55 -26.64 5.37
CA SER D 45 1.91 -27.43 6.53
C SER D 45 3.36 -27.91 6.44
N ILE D 46 3.85 -28.16 5.23
CA ILE D 46 5.26 -28.49 5.06
C ILE D 46 6.12 -27.31 5.48
N CYS D 47 5.80 -26.12 4.97
CA CYS D 47 6.62 -24.94 5.24
C CYS D 47 6.45 -24.45 6.67
N VAL D 48 5.25 -24.58 7.24
CA VAL D 48 5.05 -24.17 8.63
C VAL D 48 5.86 -25.06 9.57
N ARG D 49 5.77 -26.37 9.37
CA ARG D 49 6.55 -27.30 10.19
C ARG D 49 8.04 -27.14 9.96
N LEU D 50 8.45 -26.77 8.74
CA LEU D 50 9.87 -26.57 8.46
C LEU D 50 10.36 -25.27 9.08
N CYS D 51 9.55 -24.19 8.99
CA CYS D 51 9.89 -22.97 9.71
C CYS D 51 9.85 -23.20 11.21
N GLU D 52 8.99 -24.11 11.68
CA GLU D 52 8.93 -24.43 13.10
C GLU D 52 10.21 -25.07 13.59
N GLN D 53 11.02 -25.65 12.70
CA GLN D 53 12.32 -26.19 13.09
C GLN D 53 13.26 -25.07 13.50
N GLY D 54 13.30 -24.00 12.73
CA GLY D 54 14.19 -22.88 13.05
C GLY D 54 14.97 -22.36 11.86
N ILE D 55 14.63 -22.81 10.66
CA ILE D 55 15.31 -22.33 9.46
C ILE D 55 14.91 -20.88 9.21
N ASN D 56 15.83 -20.12 8.63
CA ASN D 56 15.60 -18.70 8.38
C ASN D 56 14.64 -18.52 7.21
N PRO D 57 13.57 -17.76 7.36
CA PRO D 57 12.55 -17.70 6.29
C PRO D 57 12.97 -16.87 5.10
N GLU D 58 14.02 -16.06 5.22
CA GLU D 58 14.49 -15.30 4.07
C GLU D 58 15.04 -16.19 2.97
N ALA D 59 15.48 -17.40 3.31
CA ALA D 59 16.00 -18.33 2.31
C ALA D 59 14.87 -19.13 1.66
N LEU D 60 13.85 -19.50 2.44
CA LEU D 60 12.75 -20.30 1.90
C LEU D 60 12.01 -19.56 0.79
N SER D 61 12.02 -18.24 0.83
CA SER D 61 11.43 -17.46 -0.24
C SER D 61 12.11 -17.69 -1.58
N SER D 62 13.35 -18.17 -1.56
CA SER D 62 14.11 -18.39 -2.79
C SER D 62 13.97 -19.81 -3.32
N VAL D 63 13.85 -20.80 -2.44
CA VAL D 63 13.74 -22.18 -2.92
C VAL D 63 12.39 -22.41 -3.57
N ILE D 64 11.32 -21.83 -3.00
CA ILE D 64 9.99 -22.03 -3.57
C ILE D 64 9.88 -21.33 -4.91
N LYS D 65 10.47 -20.14 -5.03
CA LYS D 65 10.42 -19.42 -6.30
C LYS D 65 11.30 -20.07 -7.35
N GLU D 66 12.25 -20.91 -6.95
CA GLU D 66 13.09 -21.62 -7.91
C GLU D 66 12.54 -23.00 -8.24
N LEU D 67 12.02 -23.72 -7.24
CA LEU D 67 11.31 -24.97 -7.52
C LEU D 67 10.15 -24.73 -8.45
N ARG D 68 9.42 -23.62 -8.28
CA ARG D 68 8.36 -23.27 -9.22
C ARG D 68 8.93 -22.82 -10.55
N LYS D 69 10.19 -22.41 -10.60
CA LYS D 69 10.78 -21.99 -11.87
C LYS D 69 11.22 -23.18 -12.70
N ALA D 70 11.96 -24.11 -12.10
CA ALA D 70 12.37 -25.31 -12.81
C ALA D 70 11.19 -26.21 -13.13
N THR D 71 10.09 -26.10 -12.38
CA THR D 71 8.89 -26.85 -12.70
C THR D 71 8.25 -26.34 -13.99
N GLU D 72 8.39 -25.05 -14.28
CA GLU D 72 7.77 -24.49 -15.48
C GLU D 72 8.53 -24.86 -16.74
N ALA D 73 9.86 -25.07 -16.63
CA ALA D 73 10.64 -25.47 -17.79
C ALA D 73 10.22 -26.83 -18.32
N LEU D 74 9.61 -27.67 -17.49
CA LEU D 74 9.11 -28.96 -17.96
C LEU D 74 7.86 -28.80 -18.81
N LYS D 75 6.98 -27.86 -18.44
CA LYS D 75 5.76 -27.62 -19.18
C LYS D 75 5.89 -26.39 -20.06
#